data_6YYD
#
_entry.id   6YYD
#
_cell.length_a   47.708
_cell.length_b   64.471
_cell.length_c   48.372
_cell.angle_alpha   90.000
_cell.angle_beta   110.820
_cell.angle_gamma   90.000
#
_symmetry.space_group_name_H-M   'P 1 21 1'
#
loop_
_entity.id
_entity.type
_entity.pdbx_description
1 polymer 'Phosphoribosylaminoimidazole-succinocarboxamide synthase'
2 non-polymer 4-azanyl-6-[1-[[3,4-bis(fluoranyl)phenyl]methyl]pyrazol-4-yl]pyrimidine-5-carbonitrile
3 non-polymer 'SULFATE ION'
4 non-polymer 1,2-ETHANEDIOL
5 water water
#
_entity_poly.entity_id   1
_entity_poly.type   'polypeptide(L)'
_entity_poly.pdbx_seq_one_letter_code
;MSHHHHHHSMRPSLSDYQHVASGKVRELYRVDDEHLLFVATDRISAFDFVLDTPIPDKGRILTAMSVFFFGLLTVPNHLA
GPPDDPRIPEEVLGRALLVRRLDMLPVECVARGYLTGSGLLDYQRTGAVCGHVLPQGLGEASRLDPPLFTPATKADIGEH
DMNVDFAAVVGLVGAVRANQLRDETIKIYTRAAAHALHKGIILADTKFEFGVDIEGNLVLADEVFTPDSSRYWDAAHYQP
GVVQDSFDKQFVRNWLTGPESGWDRASDTPPPPLPDEVAVATRERYIEAYERISGLSFSDWIGPSA
;
_entity_poly.pdbx_strand_id   A
#
# COMPACT_ATOMS: atom_id res chain seq x y z
N MET A 10 29.81 -9.66 -7.58
CA MET A 10 28.86 -9.64 -8.69
C MET A 10 27.47 -10.05 -8.21
N ARG A 11 26.46 -9.29 -8.58
CA ARG A 11 25.09 -9.58 -8.15
C ARG A 11 24.50 -10.67 -9.03
N PRO A 12 23.64 -11.51 -8.44
CA PRO A 12 23.00 -12.57 -9.23
C PRO A 12 22.04 -11.98 -10.26
N SER A 13 21.69 -12.79 -11.23
CA SER A 13 20.65 -12.42 -12.17
C SER A 13 19.31 -12.78 -11.54
N LEU A 14 18.30 -11.99 -11.85
CA LEU A 14 16.94 -12.29 -11.43
C LEU A 14 16.53 -13.70 -11.90
N SER A 15 17.05 -14.11 -13.05
CA SER A 15 16.72 -15.41 -13.62
C SER A 15 17.28 -16.57 -12.79
N ASP A 16 18.13 -16.26 -11.81
CA ASP A 16 18.62 -17.29 -10.88
C ASP A 16 17.61 -17.64 -9.81
N TYR A 17 16.57 -16.84 -9.67
CA TYR A 17 15.58 -17.05 -8.62
C TYR A 17 14.26 -17.52 -9.20
N GLN A 18 13.46 -18.21 -8.40
CA GLN A 18 12.19 -18.72 -8.89
C GLN A 18 11.03 -17.76 -8.62
N HIS A 19 10.38 -17.32 -9.68
CA HIS A 19 9.18 -16.51 -9.54
C HIS A 19 8.11 -17.34 -8.85
N VAL A 20 7.51 -16.79 -7.79
CA VAL A 20 6.49 -17.53 -7.06
C VAL A 20 5.16 -16.80 -6.99
N ALA A 21 5.16 -15.50 -7.24
CA ALA A 21 3.92 -14.73 -7.21
C ALA A 21 4.03 -13.43 -7.98
N SER A 22 2.90 -12.98 -8.53
CA SER A 22 2.80 -11.66 -9.14
C SER A 22 1.54 -10.94 -8.71
N GLY A 23 1.67 -9.64 -8.46
CA GLY A 23 0.53 -8.79 -8.20
C GLY A 23 0.38 -7.80 -9.35
N LYS A 24 -0.47 -6.80 -9.16
CA LYS A 24 -0.69 -5.82 -10.21
C LYS A 24 0.59 -5.06 -10.54
N VAL A 25 1.32 -4.68 -9.50
CA VAL A 25 2.49 -3.83 -9.69
C VAL A 25 3.69 -4.32 -8.86
N ARG A 26 3.63 -5.57 -8.42
CA ARG A 26 4.75 -6.16 -7.69
C ARG A 26 4.97 -7.62 -8.09
N GLU A 27 6.14 -8.14 -7.76
CA GLU A 27 6.52 -9.53 -8.03
C GLU A 27 7.19 -10.12 -6.82
N LEU A 28 7.13 -11.44 -6.68
CA LEU A 28 7.75 -12.12 -5.56
C LEU A 28 8.57 -13.30 -6.07
N TYR A 29 9.80 -13.42 -5.58
CA TYR A 29 10.71 -14.50 -5.99
C TYR A 29 11.29 -15.26 -4.80
N ARG A 30 11.51 -16.56 -5.01
CA ARG A 30 12.19 -17.39 -4.02
C ARG A 30 13.70 -17.25 -4.17
N VAL A 31 14.38 -16.94 -3.08
CA VAL A 31 15.84 -16.80 -3.09
C VAL A 31 16.45 -18.10 -2.58
N ASP A 32 16.01 -18.54 -1.42
CA ASP A 32 16.32 -19.88 -0.93
C ASP A 32 15.19 -20.36 -0.03
N ASP A 33 15.45 -21.40 0.76
CA ASP A 33 14.38 -22.01 1.56
C ASP A 33 13.78 -21.04 2.58
N GLU A 34 14.55 -20.04 2.98
CA GLU A 34 14.08 -19.16 4.04
C GLU A 34 14.02 -17.68 3.67
N HIS A 35 14.26 -17.37 2.39
CA HIS A 35 14.25 -15.98 1.94
C HIS A 35 13.55 -15.78 0.61
N LEU A 36 12.91 -14.62 0.47
CA LEU A 36 12.30 -14.20 -0.78
C LEU A 36 12.87 -12.87 -1.23
N LEU A 37 12.58 -12.52 -2.48
CA LEU A 37 12.91 -11.22 -3.04
C LEU A 37 11.60 -10.54 -3.40
N PHE A 38 11.30 -9.45 -2.70
CA PHE A 38 10.09 -8.68 -2.90
C PHE A 38 10.39 -7.56 -3.89
N VAL A 39 9.73 -7.56 -5.04
CA VAL A 39 10.05 -6.62 -6.11
C VAL A 39 8.89 -5.65 -6.41
N ALA A 40 9.15 -4.36 -6.30
CA ALA A 40 8.21 -3.33 -6.78
C ALA A 40 8.51 -2.99 -8.22
N THR A 41 7.46 -2.90 -9.03
CA THR A 41 7.66 -2.53 -10.44
C THR A 41 7.31 -1.06 -10.66
N ASP A 42 7.54 -0.59 -11.88
CA ASP A 42 7.21 0.79 -12.22
C ASP A 42 5.79 0.91 -12.75
N ARG A 43 5.04 -0.19 -12.77
CA ARG A 43 3.66 -0.14 -13.24
C ARG A 43 2.76 0.61 -12.26
N ILE A 44 1.72 1.23 -12.78
CA ILE A 44 0.76 1.96 -11.99
C ILE A 44 -0.65 1.52 -12.35
N SER A 45 -1.50 1.44 -11.33
CA SER A 45 -2.90 1.08 -11.52
C SER A 45 -3.80 2.29 -11.32
N ALA A 46 -4.81 2.41 -12.18
CA ALA A 46 -5.85 3.41 -12.02
C ALA A 46 -7.16 2.81 -12.48
N PHE A 47 -8.23 3.07 -11.72
CA PHE A 47 -9.55 2.52 -12.02
C PHE A 47 -9.53 1.01 -12.24
N ASP A 48 -8.76 0.30 -11.42
CA ASP A 48 -8.63 -1.16 -11.47
C ASP A 48 -7.98 -1.68 -12.75
N PHE A 49 -7.36 -0.80 -13.53
CA PHE A 49 -6.57 -1.24 -14.67
C PHE A 49 -5.09 -0.97 -14.42
N VAL A 50 -4.23 -1.94 -14.73
CA VAL A 50 -2.81 -1.66 -14.81
C VAL A 50 -2.57 -0.92 -16.12
N LEU A 51 -2.06 0.30 -16.01
CA LEU A 51 -1.90 1.15 -17.19
C LEU A 51 -0.76 0.71 -18.08
N ASP A 52 -0.83 1.08 -19.36
CA ASP A 52 0.18 0.67 -20.32
C ASP A 52 1.51 1.35 -20.08
N THR A 53 1.45 2.53 -19.47
CA THR A 53 2.62 3.39 -19.31
C THR A 53 3.19 3.24 -17.92
N PRO A 54 4.45 2.80 -17.80
CA PRO A 54 5.10 2.78 -16.49
C PRO A 54 5.48 4.18 -16.02
N ILE A 55 5.57 4.36 -14.71
CA ILE A 55 6.03 5.59 -14.12
C ILE A 55 7.52 5.46 -13.76
N PRO A 56 8.39 6.27 -14.38
CA PRO A 56 9.82 6.08 -14.13
C PRO A 56 10.18 6.22 -12.66
N ASP A 57 11.01 5.31 -12.15
CA ASP A 57 11.47 5.27 -10.75
C ASP A 57 10.40 4.96 -9.70
N LYS A 58 9.18 4.65 -10.13
CA LYS A 58 8.11 4.40 -9.16
C LYS A 58 8.47 3.24 -8.23
N GLY A 59 8.95 2.13 -8.79
CA GLY A 59 9.35 1.01 -7.95
C GLY A 59 10.38 1.38 -6.90
N ARG A 60 11.38 2.16 -7.29
CA ARG A 60 12.43 2.61 -6.38
C ARG A 60 11.89 3.58 -5.33
N ILE A 61 11.05 4.53 -5.74
CA ILE A 61 10.53 5.50 -4.79
C ILE A 61 9.66 4.81 -3.73
N LEU A 62 8.82 3.88 -4.16
CA LEU A 62 7.94 3.22 -3.20
C LEU A 62 8.70 2.28 -2.28
N THR A 63 9.76 1.67 -2.80
CA THR A 63 10.61 0.82 -1.96
C THR A 63 11.33 1.67 -0.92
N ALA A 64 11.82 2.84 -1.33
CA ALA A 64 12.44 3.79 -0.41
C ALA A 64 11.45 4.20 0.67
N MET A 65 10.20 4.46 0.26
CA MET A 65 9.14 4.82 1.20
CA MET A 65 9.18 4.85 1.23
C MET A 65 8.91 3.74 2.23
N SER A 66 8.74 2.52 1.73
CA SER A 66 8.48 1.40 2.61
C SER A 66 9.64 1.16 3.59
N VAL A 67 10.87 1.28 3.12
CA VAL A 67 12.04 1.10 3.98
C VAL A 67 12.06 2.17 5.08
N PHE A 68 11.73 3.40 4.72
CA PHE A 68 11.65 4.45 5.71
C PHE A 68 10.63 4.10 6.80
N PHE A 69 9.43 3.72 6.38
CA PHE A 69 8.37 3.43 7.37
C PHE A 69 8.69 2.17 8.21
N PHE A 70 9.29 1.15 7.63
CA PHE A 70 9.73 -0.01 8.43
C PHE A 70 10.68 0.46 9.54
N GLY A 71 11.55 1.42 9.22
CA GLY A 71 12.50 1.94 10.19
C GLY A 71 11.83 2.79 11.26
N LEU A 72 10.75 3.47 10.89
CA LEU A 72 10.01 4.32 11.82
C LEU A 72 9.23 3.50 12.84
N LEU A 73 8.71 2.37 12.40
CA LEU A 73 7.87 1.53 13.24
C LEU A 73 8.71 0.59 14.10
N THR A 74 8.25 0.31 15.32
CA THR A 74 9.06 -0.50 16.21
C THR A 74 8.74 -1.99 16.11
N VAL A 75 7.74 -2.35 15.30
CA VAL A 75 7.30 -3.73 15.23
C VAL A 75 8.22 -4.58 14.34
N PRO A 76 8.28 -5.89 14.64
CA PRO A 76 9.04 -6.86 13.83
C PRO A 76 8.57 -6.80 12.39
N ASN A 77 9.51 -6.84 11.46
CA ASN A 77 9.17 -6.88 10.04
C ASN A 77 10.02 -7.91 9.31
N HIS A 78 9.69 -8.15 8.05
CA HIS A 78 10.27 -9.27 7.34
C HIS A 78 11.56 -8.94 6.59
N LEU A 79 12.06 -7.71 6.72
CA LEU A 79 13.31 -7.35 6.05
C LEU A 79 14.44 -8.25 6.57
N ALA A 80 15.26 -8.75 5.65
CA ALA A 80 16.30 -9.71 5.98
C ALA A 80 17.69 -9.24 5.54
N GLY A 81 17.77 -8.02 5.03
CA GLY A 81 19.04 -7.48 4.62
C GLY A 81 18.89 -6.03 4.21
N PRO A 82 20.01 -5.35 3.97
CA PRO A 82 20.03 -3.94 3.58
C PRO A 82 19.55 -3.75 2.14
N PRO A 83 19.18 -2.51 1.77
CA PRO A 83 18.73 -2.26 0.40
C PRO A 83 19.78 -2.56 -0.67
N ASP A 84 21.05 -2.68 -0.29
CA ASP A 84 22.08 -3.01 -1.26
C ASP A 84 22.64 -4.42 -1.07
N ASP A 85 21.92 -5.25 -0.33
CA ASP A 85 22.27 -6.66 -0.12
C ASP A 85 22.74 -7.31 -1.43
N PRO A 86 23.88 -8.00 -1.41
CA PRO A 86 24.44 -8.58 -2.63
C PRO A 86 23.53 -9.61 -3.30
N ARG A 87 22.55 -10.13 -2.58
CA ARG A 87 21.61 -11.09 -3.18
C ARG A 87 20.61 -10.42 -4.13
N ILE A 88 20.58 -9.08 -4.13
CA ILE A 88 19.64 -8.35 -4.97
C ILE A 88 20.23 -8.09 -6.36
N PRO A 89 19.56 -8.57 -7.42
CA PRO A 89 20.04 -8.36 -8.80
C PRO A 89 20.13 -6.89 -9.19
N GLU A 90 21.10 -6.56 -10.03
CA GLU A 90 21.30 -5.20 -10.49
C GLU A 90 20.06 -4.61 -11.12
N GLU A 91 19.36 -5.44 -11.88
CA GLU A 91 18.18 -5.02 -12.63
C GLU A 91 17.06 -4.48 -11.73
N VAL A 92 16.99 -4.95 -10.49
CA VAL A 92 15.94 -4.49 -9.59
C VAL A 92 16.50 -3.72 -8.39
N LEU A 93 17.76 -3.32 -8.48
CA LEU A 93 18.40 -2.63 -7.37
C LEU A 93 17.68 -1.32 -7.04
N GLY A 94 17.32 -1.16 -5.77
CA GLY A 94 16.60 0.01 -5.34
C GLY A 94 15.09 -0.20 -5.28
N ARG A 95 14.60 -1.23 -5.95
CA ARG A 95 13.17 -1.51 -5.97
C ARG A 95 12.88 -2.95 -5.59
N ALA A 96 13.82 -3.56 -4.84
CA ALA A 96 13.64 -4.92 -4.39
C ALA A 96 14.27 -5.10 -3.01
N LEU A 97 13.66 -5.93 -2.18
CA LEU A 97 14.15 -6.16 -0.82
C LEU A 97 14.27 -7.65 -0.56
N LEU A 98 15.32 -8.04 0.14
CA LEU A 98 15.49 -9.41 0.60
C LEU A 98 14.69 -9.56 1.89
N VAL A 99 13.76 -10.52 1.91
CA VAL A 99 12.91 -10.70 3.09
C VAL A 99 12.90 -12.14 3.58
N ARG A 100 12.56 -12.32 4.86
CA ARG A 100 12.50 -13.68 5.40
C ARG A 100 11.14 -14.31 5.12
N ARG A 101 11.15 -15.59 4.80
CA ARG A 101 9.92 -16.32 4.53
C ARG A 101 9.12 -16.51 5.81
N LEU A 102 7.83 -16.20 5.72
CA LEU A 102 6.91 -16.31 6.86
C LEU A 102 5.73 -17.20 6.48
N ASP A 103 5.04 -17.73 7.49
CA ASP A 103 3.71 -18.30 7.25
C ASP A 103 2.71 -17.15 7.26
N MET A 104 2.23 -16.78 6.08
CA MET A 104 1.35 -15.63 5.94
C MET A 104 -0.06 -15.87 6.50
N LEU A 105 -0.60 -14.85 7.16
CA LEU A 105 -1.97 -14.91 7.65
C LEU A 105 -2.93 -14.38 6.57
N PRO A 106 -4.02 -15.14 6.30
CA PRO A 106 -4.93 -14.85 5.20
C PRO A 106 -5.90 -13.71 5.50
N VAL A 107 -5.36 -12.57 5.94
CA VAL A 107 -6.19 -11.41 6.26
C VAL A 107 -5.56 -10.14 5.69
N GLU A 108 -6.32 -9.38 4.91
CA GLU A 108 -5.89 -8.03 4.57
C GLU A 108 -6.24 -7.12 5.74
N CYS A 109 -5.20 -6.69 6.44
CA CYS A 109 -5.39 -5.85 7.61
C CYS A 109 -5.45 -4.38 7.25
N VAL A 110 -6.64 -3.80 7.37
CA VAL A 110 -6.88 -2.44 6.91
C VAL A 110 -7.23 -1.56 8.10
N ALA A 111 -6.60 -0.40 8.14
CA ALA A 111 -6.96 0.64 9.10
C ALA A 111 -7.51 1.84 8.32
N ARG A 112 -8.60 2.42 8.79
CA ARG A 112 -9.15 3.62 8.16
C ARG A 112 -9.23 4.75 9.15
N GLY A 113 -8.51 5.81 8.90
CA GLY A 113 -8.63 7.02 9.70
C GLY A 113 -9.70 7.96 9.18
N TYR A 114 -10.12 7.73 7.93
CA TYR A 114 -11.11 8.56 7.26
C TYR A 114 -12.04 7.66 6.45
N LEU A 115 -13.27 8.12 6.27
CA LEU A 115 -14.32 7.32 5.66
C LEU A 115 -14.42 7.60 4.16
N THR A 116 -14.00 6.64 3.34
CA THR A 116 -14.02 6.79 1.88
C THR A 116 -14.05 5.39 1.28
N GLY A 117 -14.12 5.31 -0.04
CA GLY A 117 -14.14 4.02 -0.71
C GLY A 117 -15.20 3.05 -0.22
N SER A 118 -14.84 1.78 -0.12
CA SER A 118 -15.79 0.76 0.26
C SER A 118 -16.25 0.93 1.71
N GLY A 119 -15.42 1.57 2.54
CA GLY A 119 -15.81 1.88 3.92
C GLY A 119 -17.00 2.81 3.92
N LEU A 120 -16.88 3.90 3.17
CA LEU A 120 -17.99 4.84 3.03
C LEU A 120 -19.23 4.17 2.46
N LEU A 121 -19.03 3.38 1.40
CA LEU A 121 -20.16 2.71 0.75
C LEU A 121 -20.89 1.79 1.72
N ASP A 122 -20.13 1.00 2.46
CA ASP A 122 -20.73 0.10 3.44
C ASP A 122 -21.52 0.91 4.47
N TYR A 123 -20.94 2.00 4.94
CA TYR A 123 -21.63 2.87 5.90
C TYR A 123 -22.94 3.45 5.33
N GLN A 124 -22.89 3.92 4.09
CA GLN A 124 -24.07 4.50 3.47
C GLN A 124 -25.17 3.46 3.24
N ARG A 125 -24.77 2.21 3.06
CA ARG A 125 -25.74 1.15 2.87
C ARG A 125 -26.32 0.60 4.18
N THR A 126 -25.50 0.55 5.23
CA THR A 126 -25.88 -0.19 6.44
C THR A 126 -25.70 0.56 7.74
N GLY A 127 -24.98 1.68 7.71
CA GLY A 127 -24.68 2.41 8.92
C GLY A 127 -23.50 1.82 9.69
N ALA A 128 -22.91 0.76 9.14
CA ALA A 128 -21.77 0.11 9.76
C ALA A 128 -20.68 -0.22 8.74
N VAL A 129 -19.47 -0.43 9.23
CA VAL A 129 -18.34 -0.89 8.42
C VAL A 129 -17.60 -2.02 9.14
N CYS A 130 -17.53 -3.20 8.54
CA CYS A 130 -16.80 -4.35 9.12
C CYS A 130 -17.18 -4.59 10.58
N GLY A 131 -18.46 -4.43 10.87
CA GLY A 131 -18.96 -4.70 12.21
C GLY A 131 -18.96 -3.50 13.13
N HIS A 132 -18.45 -2.38 12.67
CA HIS A 132 -18.44 -1.17 13.48
C HIS A 132 -19.64 -0.31 13.16
N VAL A 133 -20.54 -0.16 14.10
CA VAL A 133 -21.68 0.73 13.95
C VAL A 133 -21.24 2.14 14.28
N LEU A 134 -21.34 3.03 13.30
CA LEU A 134 -20.77 4.36 13.39
C LEU A 134 -21.82 5.41 13.73
N PRO A 135 -21.38 6.59 14.17
CA PRO A 135 -22.36 7.67 14.38
C PRO A 135 -23.10 8.03 13.09
N GLN A 136 -24.32 8.56 13.21
CA GLN A 136 -25.03 9.07 12.04
C GLN A 136 -24.39 10.39 11.61
N GLY A 137 -24.58 10.74 10.34
CA GLY A 137 -24.17 12.05 9.84
C GLY A 137 -22.77 12.13 9.29
N LEU A 138 -22.10 10.99 9.11
CA LEU A 138 -20.79 10.98 8.46
C LEU A 138 -20.94 10.98 6.95
N GLY A 139 -19.88 11.35 6.26
CA GLY A 139 -19.90 11.36 4.81
C GLY A 139 -18.52 11.21 4.21
N GLU A 140 -18.41 11.52 2.91
CA GLU A 140 -17.14 11.39 2.20
C GLU A 140 -16.00 12.13 2.91
N ALA A 141 -14.94 11.37 3.18
CA ALA A 141 -13.69 11.88 3.77
C ALA A 141 -13.88 12.37 5.22
N SER A 142 -14.96 11.96 5.87
CA SER A 142 -15.14 12.22 7.30
C SER A 142 -14.01 11.59 8.11
N ARG A 143 -13.48 12.34 9.07
CA ARG A 143 -12.51 11.77 10.01
C ARG A 143 -13.16 10.72 10.93
N LEU A 144 -12.47 9.60 11.10
CA LEU A 144 -12.87 8.56 12.04
C LEU A 144 -11.95 8.57 13.26
N ASP A 145 -12.50 8.77 14.45
CA ASP A 145 -11.69 8.75 15.66
C ASP A 145 -12.42 7.92 16.70
N PRO A 146 -11.81 6.81 17.13
CA PRO A 146 -10.48 6.31 16.73
C PRO A 146 -10.50 5.69 15.33
N PRO A 147 -9.31 5.41 14.77
CA PRO A 147 -9.30 4.73 13.47
C PRO A 147 -10.00 3.37 13.57
N LEU A 148 -10.55 2.88 12.47
CA LEU A 148 -11.24 1.60 12.44
C LEU A 148 -10.40 0.49 11.83
N PHE A 149 -10.43 -0.66 12.46
CA PHE A 149 -9.91 -1.90 11.88
C PHE A 149 -10.99 -2.46 10.96
N THR A 150 -10.74 -2.42 9.65
CA THR A 150 -11.74 -2.85 8.68
C THR A 150 -11.15 -3.94 7.78
N PRO A 151 -11.03 -5.16 8.33
CA PRO A 151 -10.32 -6.24 7.63
C PRO A 151 -11.04 -6.70 6.38
N ALA A 152 -10.28 -7.33 5.49
CA ALA A 152 -10.83 -7.80 4.23
C ALA A 152 -10.18 -9.12 3.86
N THR A 153 -10.82 -9.86 2.97
CA THR A 153 -10.23 -11.10 2.44
C THR A 153 -10.07 -10.95 0.93
N LYS A 154 -9.05 -11.59 0.38
CA LYS A 154 -8.84 -11.55 -1.06
C LYS A 154 -9.88 -12.41 -1.78
N ALA A 155 -10.35 -11.94 -2.93
CA ALA A 155 -11.28 -12.70 -3.75
C ALA A 155 -10.58 -13.20 -5.01
N ASP A 156 -11.35 -13.51 -6.05
CA ASP A 156 -10.78 -13.97 -7.32
C ASP A 156 -9.97 -12.85 -7.98
N ILE A 157 -9.16 -13.21 -8.97
CA ILE A 157 -8.20 -12.29 -9.58
C ILE A 157 -8.76 -10.93 -10.00
N GLY A 158 -9.97 -10.92 -10.53
CA GLY A 158 -10.51 -9.68 -11.08
C GLY A 158 -11.24 -8.84 -10.05
N GLU A 159 -11.53 -9.45 -8.91
CA GLU A 159 -12.45 -8.86 -7.94
C GLU A 159 -11.77 -8.06 -6.83
N HIS A 160 -12.50 -7.09 -6.29
CA HIS A 160 -12.02 -6.34 -5.13
C HIS A 160 -12.04 -7.22 -3.90
N ASP A 161 -11.21 -6.88 -2.91
CA ASP A 161 -11.20 -7.59 -1.64
C ASP A 161 -12.58 -7.51 -1.00
N MET A 162 -12.93 -8.52 -0.20
CA MET A 162 -14.23 -8.54 0.46
C MET A 162 -14.12 -8.06 1.90
N ASN A 163 -14.81 -6.98 2.24
CA ASN A 163 -14.84 -6.51 3.63
C ASN A 163 -15.50 -7.52 4.54
N VAL A 164 -14.86 -7.77 5.69
CA VAL A 164 -15.39 -8.71 6.67
C VAL A 164 -15.32 -8.13 8.07
N ASP A 165 -16.03 -8.73 9.02
CA ASP A 165 -16.01 -8.21 10.38
C ASP A 165 -14.99 -8.95 11.25
N PHE A 166 -14.89 -8.56 12.51
CA PHE A 166 -13.91 -9.14 13.40
C PHE A 166 -14.15 -10.65 13.57
N ALA A 167 -15.41 -11.07 13.64
CA ALA A 167 -15.72 -12.49 13.81
C ALA A 167 -15.11 -13.31 12.67
N ALA A 168 -15.12 -12.75 11.48
CA ALA A 168 -14.53 -13.46 10.33
C ALA A 168 -13.03 -13.59 10.50
N VAL A 169 -12.40 -12.56 11.06
CA VAL A 169 -10.98 -12.63 11.31
C VAL A 169 -10.68 -13.70 12.36
N VAL A 170 -11.46 -13.73 13.43
CA VAL A 170 -11.32 -14.78 14.43
C VAL A 170 -11.38 -16.16 13.78
N GLY A 171 -12.37 -16.36 12.90
CA GLY A 171 -12.54 -17.61 12.20
C GLY A 171 -11.39 -17.98 11.28
N LEU A 172 -10.62 -16.98 10.87
CA LEU A 172 -9.50 -17.24 9.98
C LEU A 172 -8.21 -17.54 10.70
N VAL A 173 -7.96 -16.86 11.82
CA VAL A 173 -6.63 -16.93 12.44
C VAL A 173 -6.63 -17.26 13.93
N GLY A 174 -7.81 -17.31 14.55
CA GLY A 174 -7.93 -17.61 15.97
C GLY A 174 -8.28 -16.37 16.77
N ALA A 175 -8.88 -16.54 17.94
CA ALA A 175 -9.40 -15.40 18.70
C ALA A 175 -8.28 -14.50 19.21
N VAL A 176 -7.25 -15.08 19.81
CA VAL A 176 -6.17 -14.29 20.37
C VAL A 176 -5.37 -13.61 19.24
N ARG A 177 -5.07 -14.34 18.18
CA ARG A 177 -4.35 -13.76 17.05
C ARG A 177 -5.15 -12.63 16.40
N ALA A 178 -6.46 -12.80 16.29
CA ALA A 178 -7.30 -11.75 15.71
C ALA A 178 -7.22 -10.46 16.54
N ASN A 179 -7.23 -10.58 17.86
CA ASN A 179 -7.07 -9.41 18.72
C ASN A 179 -5.73 -8.74 18.46
N GLN A 180 -4.70 -9.56 18.30
CA GLN A 180 -3.36 -9.06 18.04
C GLN A 180 -3.30 -8.31 16.71
N LEU A 181 -3.92 -8.86 15.68
CA LEU A 181 -3.92 -8.23 14.36
C LEU A 181 -4.61 -6.88 14.45
N ARG A 182 -5.75 -6.85 15.12
CA ARG A 182 -6.50 -5.62 15.29
CA ARG A 182 -6.50 -5.61 15.27
C ARG A 182 -5.66 -4.57 16.01
N ASP A 183 -5.11 -4.95 17.15
CA ASP A 183 -4.36 -4.00 17.97
C ASP A 183 -3.12 -3.45 17.24
N GLU A 184 -2.32 -4.33 16.65
CA GLU A 184 -1.12 -3.90 15.97
C GLU A 184 -1.44 -3.06 14.73
N THR A 185 -2.49 -3.43 13.98
CA THR A 185 -2.87 -2.66 12.77
C THR A 185 -3.21 -1.23 13.14
N ILE A 186 -4.01 -1.05 14.20
CA ILE A 186 -4.40 0.30 14.59
CA ILE A 186 -4.40 0.28 14.64
C ILE A 186 -3.21 1.05 15.19
N LYS A 187 -2.37 0.38 15.98
CA LYS A 187 -1.21 1.03 16.57
C LYS A 187 -0.22 1.55 15.51
N ILE A 188 0.12 0.72 14.54
CA ILE A 188 1.12 1.19 13.57
C ILE A 188 0.52 2.18 12.58
N TYR A 189 -0.76 2.02 12.22
CA TYR A 189 -1.43 3.05 11.42
C TYR A 189 -1.39 4.39 12.16
N THR A 190 -1.76 4.41 13.43
CA THR A 190 -1.81 5.64 14.20
C THR A 190 -0.45 6.35 14.21
N ARG A 191 0.62 5.60 14.41
CA ARG A 191 1.97 6.14 14.43
C ARG A 191 2.33 6.76 13.07
N ALA A 192 2.16 5.98 12.01
CA ALA A 192 2.54 6.43 10.68
C ALA A 192 1.70 7.62 10.24
N ALA A 193 0.40 7.58 10.54
CA ALA A 193 -0.52 8.65 10.13
C ALA A 193 -0.15 9.96 10.82
N ALA A 194 0.16 9.91 12.12
CA ALA A 194 0.54 11.12 12.83
C ALA A 194 1.84 11.70 12.27
N HIS A 195 2.81 10.84 11.96
CA HIS A 195 4.08 11.28 11.36
C HIS A 195 3.85 11.96 10.02
N ALA A 196 3.06 11.32 9.17
CA ALA A 196 2.82 11.85 7.84
C ALA A 196 2.11 13.21 7.92
N LEU A 197 1.15 13.32 8.81
CA LEU A 197 0.35 14.55 8.93
C LEU A 197 1.23 15.67 9.42
N HIS A 198 2.19 15.35 10.27
CA HIS A 198 3.16 16.34 10.75
C HIS A 198 3.96 16.92 9.58
N LYS A 199 4.08 16.13 8.52
CA LYS A 199 4.84 16.51 7.33
C LYS A 199 3.93 17.03 6.23
N GLY A 200 2.63 17.14 6.50
CA GLY A 200 1.70 17.71 5.53
C GLY A 200 0.95 16.74 4.64
N ILE A 201 1.02 15.44 4.95
CA ILE A 201 0.32 14.43 4.18
C ILE A 201 -0.59 13.62 5.09
N ILE A 202 -1.85 13.48 4.69
CA ILE A 202 -2.75 12.59 5.41
C ILE A 202 -2.64 11.19 4.81
N LEU A 203 -2.44 10.20 5.66
CA LEU A 203 -2.59 8.79 5.27
C LEU A 203 -4.00 8.43 5.67
N ALA A 204 -4.91 8.40 4.71
CA ALA A 204 -6.33 8.25 5.06
C ALA A 204 -6.67 6.85 5.52
N ASP A 205 -5.94 5.88 4.99
CA ASP A 205 -6.15 4.49 5.30
C ASP A 205 -4.91 3.73 4.87
N THR A 206 -4.83 2.46 5.24
CA THR A 206 -3.69 1.65 4.83
C THR A 206 -4.03 0.17 4.90
N LYS A 207 -3.31 -0.66 4.13
CA LYS A 207 -3.55 -2.09 4.08
C LYS A 207 -2.23 -2.84 4.28
N PHE A 208 -2.22 -3.75 5.27
CA PHE A 208 -1.06 -4.59 5.65
C PHE A 208 -1.37 -6.05 5.45
N GLU A 209 -0.33 -6.85 5.22
CA GLU A 209 -0.39 -8.29 5.50
C GLU A 209 0.68 -8.63 6.54
N PHE A 210 0.33 -9.57 7.43
CA PHE A 210 1.25 -10.09 8.42
C PHE A 210 1.54 -11.56 8.19
N GLY A 211 2.69 -12.02 8.65
CA GLY A 211 2.98 -13.43 8.70
C GLY A 211 3.47 -13.81 10.08
N VAL A 212 3.73 -15.09 10.27
CA VAL A 212 4.27 -15.55 11.55
CA VAL A 212 4.21 -15.62 11.53
C VAL A 212 5.57 -16.30 11.30
N ASP A 213 6.54 -16.05 12.17
CA ASP A 213 7.84 -16.72 12.03
C ASP A 213 7.84 -18.03 12.79
N ILE A 214 8.99 -18.71 12.81
CA ILE A 214 9.11 -20.03 13.43
C ILE A 214 8.74 -20.03 14.92
N GLU A 215 8.95 -18.91 15.60
CA GLU A 215 8.69 -18.83 17.03
C GLU A 215 7.26 -18.43 17.33
N GLY A 216 6.47 -18.19 16.29
CA GLY A 216 5.08 -17.83 16.49
C GLY A 216 4.86 -16.33 16.57
N ASN A 217 5.93 -15.56 16.39
CA ASN A 217 5.85 -14.10 16.44
C ASN A 217 5.18 -13.49 15.21
N LEU A 218 4.37 -12.46 15.45
CA LEU A 218 3.73 -11.71 14.38
C LEU A 218 4.72 -10.76 13.72
N VAL A 219 4.79 -10.82 12.39
CA VAL A 219 5.76 -10.06 11.62
C VAL A 219 5.08 -9.32 10.47
N LEU A 220 5.32 -8.02 10.39
CA LEU A 220 4.79 -7.20 9.29
C LEU A 220 5.52 -7.49 8.00
N ALA A 221 4.76 -7.73 6.93
CA ALA A 221 5.37 -8.08 5.64
C ALA A 221 5.00 -7.12 4.48
N ASP A 222 5.13 -7.62 3.26
CA ASP A 222 4.94 -6.84 2.03
C ASP A 222 5.57 -5.45 2.06
N GLU A 223 4.82 -4.50 1.51
CA GLU A 223 5.19 -3.10 1.46
C GLU A 223 4.32 -2.35 2.44
N VAL A 224 4.86 -1.31 3.06
CA VAL A 224 4.06 -0.61 4.05
C VAL A 224 4.01 0.89 3.81
N PHE A 225 2.80 1.42 3.91
CA PHE A 225 2.53 2.86 3.80
C PHE A 225 3.04 3.50 2.51
N THR A 226 2.93 2.75 1.42
CA THR A 226 3.15 3.32 0.09
C THR A 226 1.83 3.90 -0.41
N PRO A 227 1.90 4.76 -1.45
CA PRO A 227 0.66 5.26 -2.05
C PRO A 227 -0.15 4.20 -2.78
N ASP A 228 0.44 3.02 -2.99
CA ASP A 228 -0.32 1.89 -3.52
C ASP A 228 -1.09 1.15 -2.41
N SER A 229 -0.52 1.11 -1.21
CA SER A 229 -1.14 0.40 -0.08
C SER A 229 -1.99 1.32 0.78
N SER A 230 -1.93 2.63 0.52
CA SER A 230 -2.51 3.64 1.40
C SER A 230 -2.99 4.81 0.57
N ARG A 231 -4.08 5.44 0.96
CA ARG A 231 -4.49 6.68 0.29
C ARG A 231 -3.71 7.86 0.86
N TYR A 232 -2.90 8.48 0.03
CA TYR A 232 -2.17 9.70 0.36
C TYR A 232 -3.01 10.91 -0.07
N TRP A 233 -3.25 11.83 0.87
CA TRP A 233 -3.94 13.09 0.59
C TRP A 233 -3.04 14.26 0.97
N ASP A 234 -3.18 15.38 0.28
CA ASP A 234 -2.55 16.63 0.72
C ASP A 234 -3.32 17.23 1.90
N ALA A 235 -2.66 17.29 3.06
CA ALA A 235 -3.33 17.80 4.25
C ALA A 235 -3.76 19.26 4.08
N ALA A 236 -2.98 20.02 3.32
CA ALA A 236 -3.28 21.44 3.15
C ALA A 236 -4.59 21.69 2.42
N HIS A 237 -5.09 20.66 1.73
CA HIS A 237 -6.33 20.77 0.98
C HIS A 237 -7.40 19.82 1.47
N TYR A 238 -7.24 19.32 2.68
CA TYR A 238 -8.25 18.40 3.23
C TYR A 238 -9.55 19.15 3.50
N GLN A 239 -10.63 18.66 2.89
CA GLN A 239 -11.95 19.27 2.95
C GLN A 239 -13.01 18.17 3.11
N PRO A 240 -13.41 17.90 4.36
CA PRO A 240 -14.45 16.88 4.54
C PRO A 240 -15.67 17.17 3.68
N GLY A 241 -16.27 16.11 3.13
CA GLY A 241 -17.53 16.24 2.44
C GLY A 241 -17.42 16.12 0.93
N VAL A 242 -16.21 16.21 0.41
CA VAL A 242 -15.96 15.98 -1.01
C VAL A 242 -14.87 14.93 -1.18
N VAL A 243 -14.72 14.39 -2.39
CA VAL A 243 -13.69 13.40 -2.67
C VAL A 243 -12.33 14.07 -2.69
N GLN A 244 -11.37 13.57 -1.92
CA GLN A 244 -10.03 14.15 -1.88
C GLN A 244 -9.21 13.72 -3.08
N ASP A 245 -8.43 14.65 -3.60
CA ASP A 245 -7.46 14.33 -4.64
C ASP A 245 -6.47 13.28 -4.17
N SER A 246 -6.15 12.34 -5.04
CA SER A 246 -5.08 11.40 -4.79
C SER A 246 -3.77 12.15 -4.90
N PHE A 247 -2.94 12.16 -3.86
CA PHE A 247 -1.70 12.93 -3.91
C PHE A 247 -0.86 12.48 -5.11
N ASP A 248 -0.79 11.18 -5.31
CA ASP A 248 0.09 10.63 -6.34
C ASP A 248 -0.57 10.41 -7.70
N LYS A 249 -1.85 10.07 -7.72
CA LYS A 249 -2.46 9.62 -8.97
C LYS A 249 -3.46 10.57 -9.63
N GLN A 250 -3.63 11.78 -9.08
CA GLN A 250 -4.74 12.59 -9.59
C GLN A 250 -4.48 13.10 -11.01
N PHE A 251 -3.22 13.38 -11.36
CA PHE A 251 -2.91 13.74 -12.76
C PHE A 251 -3.32 12.63 -13.74
N VAL A 252 -2.88 11.42 -13.44
CA VAL A 252 -3.30 10.24 -14.20
C VAL A 252 -4.81 10.10 -14.31
N ARG A 253 -5.48 10.21 -13.17
CA ARG A 253 -6.94 10.11 -13.13
C ARG A 253 -7.62 11.16 -13.98
N ASN A 254 -7.15 12.40 -13.83
CA ASN A 254 -7.76 13.52 -14.54
C ASN A 254 -7.58 13.39 -16.05
N TRP A 255 -6.39 12.98 -16.47
CA TRP A 255 -6.13 12.89 -17.90
C TRP A 255 -6.98 11.79 -18.53
N LEU A 256 -7.01 10.62 -17.89
CA LEU A 256 -7.77 9.49 -18.40
C LEU A 256 -9.24 9.79 -18.56
N THR A 257 -9.80 10.54 -17.60
CA THR A 257 -11.23 10.83 -17.61
C THR A 257 -11.53 12.19 -18.22
N GLY A 258 -10.50 12.82 -18.78
CA GLY A 258 -10.64 14.13 -19.40
C GLY A 258 -10.92 14.03 -20.88
N PRO A 259 -10.95 15.20 -21.56
CA PRO A 259 -11.34 15.27 -22.97
C PRO A 259 -10.24 14.87 -23.96
N GLU A 260 -9.02 14.64 -23.47
CA GLU A 260 -7.88 14.38 -24.35
C GLU A 260 -7.54 12.90 -24.49
N SER A 261 -8.08 12.07 -23.60
CA SER A 261 -7.74 10.65 -23.59
C SER A 261 -8.47 9.86 -24.68
N GLY A 262 -9.70 10.25 -24.96
CA GLY A 262 -10.54 9.52 -25.89
C GLY A 262 -11.13 8.27 -25.26
N TRP A 263 -10.99 8.15 -23.93
CA TRP A 263 -11.42 6.94 -23.23
C TRP A 263 -12.66 7.18 -22.39
N ASP A 264 -13.59 6.23 -22.43
CA ASP A 264 -14.75 6.26 -21.58
C ASP A 264 -14.56 5.28 -20.43
N ARG A 265 -14.46 5.79 -19.21
CA ARG A 265 -14.19 4.96 -18.04
C ARG A 265 -15.27 3.89 -17.83
N ALA A 266 -16.51 4.24 -18.19
CA ALA A 266 -17.64 3.33 -18.04
C ALA A 266 -17.58 2.18 -19.03
N SER A 267 -16.71 2.28 -20.03
CA SER A 267 -16.60 1.25 -21.06
C SER A 267 -16.05 -0.06 -20.51
N ASP A 268 -15.31 0.05 -19.40
CA ASP A 268 -14.59 -1.09 -18.79
C ASP A 268 -13.59 -1.68 -19.78
N THR A 269 -13.29 -0.95 -20.85
CA THR A 269 -12.27 -1.36 -21.79
C THR A 269 -10.94 -0.80 -21.32
N PRO A 270 -9.84 -1.53 -21.56
CA PRO A 270 -8.52 -1.08 -21.13
C PRO A 270 -8.24 0.34 -21.57
N PRO A 271 -7.81 1.20 -20.64
CA PRO A 271 -7.49 2.60 -20.94
C PRO A 271 -6.27 2.74 -21.83
N PRO A 272 -6.15 3.87 -22.53
CA PRO A 272 -5.02 4.13 -23.42
C PRO A 272 -3.75 4.49 -22.66
N PRO A 273 -2.60 4.49 -23.34
CA PRO A 273 -1.35 4.90 -22.70
C PRO A 273 -1.37 6.37 -22.29
N LEU A 274 -0.59 6.69 -21.28
CA LEU A 274 -0.51 8.04 -20.75
C LEU A 274 0.47 8.91 -21.52
N PRO A 275 0.19 10.22 -21.58
CA PRO A 275 1.23 11.13 -22.06
C PRO A 275 2.52 11.02 -21.25
N ASP A 276 3.66 11.06 -21.93
CA ASP A 276 4.95 11.09 -21.25
C ASP A 276 4.98 12.17 -20.17
N GLU A 277 4.39 13.32 -20.46
CA GLU A 277 4.42 14.44 -19.52
C GLU A 277 3.67 14.08 -18.24
N VAL A 278 2.59 13.31 -18.36
CA VAL A 278 1.81 12.91 -17.18
C VAL A 278 2.60 11.91 -16.36
N ALA A 279 3.32 10.99 -17.02
CA ALA A 279 4.17 10.03 -16.31
C ALA A 279 5.28 10.71 -15.54
N VAL A 280 5.91 11.70 -16.16
CA VAL A 280 6.99 12.47 -15.53
C VAL A 280 6.46 13.28 -14.35
N ALA A 281 5.30 13.90 -14.51
CA ALA A 281 4.69 14.68 -13.42
C ALA A 281 4.34 13.77 -12.26
N THR A 282 3.89 12.56 -12.58
CA THR A 282 3.51 11.59 -11.55
C THR A 282 4.73 11.15 -10.75
N ARG A 283 5.84 10.93 -11.44
CA ARG A 283 7.09 10.60 -10.78
C ARG A 283 7.49 11.70 -9.80
N GLU A 284 7.33 12.96 -10.23
CA GLU A 284 7.64 14.09 -9.35
C GLU A 284 6.79 14.07 -8.08
N ARG A 285 5.51 13.74 -8.21
CA ARG A 285 4.63 13.63 -7.04
C ARG A 285 5.08 12.54 -6.08
N TYR A 286 5.51 11.40 -6.60
CA TYR A 286 6.04 10.34 -5.73
C TYR A 286 7.27 10.80 -4.99
N ILE A 287 8.18 11.47 -5.68
CA ILE A 287 9.39 11.99 -5.03
C ILE A 287 9.04 13.03 -3.96
N GLU A 288 8.10 13.92 -4.28
CA GLU A 288 7.70 14.93 -3.31
C GLU A 288 7.16 14.28 -2.04
N ALA A 289 6.28 13.30 -2.21
CA ALA A 289 5.70 12.60 -1.06
C ALA A 289 6.78 11.92 -0.25
N TYR A 290 7.66 11.18 -0.92
CA TYR A 290 8.76 10.52 -0.23
C TYR A 290 9.67 11.46 0.55
N GLU A 291 10.12 12.52 -0.10
CA GLU A 291 11.02 13.45 0.56
C GLU A 291 10.35 14.21 1.70
N ARG A 292 9.07 14.54 1.55
CA ARG A 292 8.39 15.22 2.64
C ARG A 292 8.23 14.30 3.86
N ILE A 293 7.84 13.06 3.62
CA ILE A 293 7.60 12.16 4.75
C ILE A 293 8.90 11.67 5.39
N SER A 294 9.91 11.36 4.57
CA SER A 294 11.13 10.77 5.11
C SER A 294 12.14 11.78 5.64
N GLY A 295 12.10 13.00 5.09
CA GLY A 295 13.11 14.00 5.39
C GLY A 295 14.42 13.68 4.70
N LEU A 296 14.38 12.74 3.76
CA LEU A 296 15.56 12.33 3.01
C LEU A 296 15.47 12.77 1.56
N SER A 297 16.58 12.64 0.82
CA SER A 297 16.59 12.96 -0.60
CA SER A 297 16.61 12.97 -0.60
C SER A 297 16.55 11.70 -1.44
N PHE A 298 15.64 11.65 -2.40
CA PHE A 298 15.55 10.46 -3.25
C PHE A 298 16.81 10.31 -4.10
N SER A 299 17.51 11.41 -4.35
CA SER A 299 18.76 11.35 -5.10
C SER A 299 19.81 10.46 -4.41
N ASP A 300 19.63 10.21 -3.12
CA ASP A 300 20.56 9.38 -2.35
C ASP A 300 20.14 7.91 -2.31
N TRP A 301 18.98 7.60 -2.87
CA TRP A 301 18.47 6.23 -2.82
C TRP A 301 19.15 5.38 -3.88
N ILE A 302 19.52 4.16 -3.51
CA ILE A 302 20.28 3.29 -4.41
C ILE A 302 19.51 2.96 -5.70
N GLY A 303 20.26 2.71 -6.76
CA GLY A 303 19.68 2.35 -8.04
C GLY A 303 20.71 1.63 -8.90
N PRO A 304 20.29 1.23 -10.11
CA PRO A 304 21.18 0.61 -11.10
C PRO A 304 22.20 1.60 -11.64
#